data_6HWV
#
_entry.id   6HWV
#
_cell.length_a   69.010
_cell.length_b   69.980
_cell.length_c   74.710
_cell.angle_alpha   90.00
_cell.angle_beta   90.00
_cell.angle_gamma   90.00
#
_symmetry.space_group_name_H-M   'P 21 21 21'
#
loop_
_entity.id
_entity.type
_entity.pdbx_description
1 polymer 'Mitogen-activated protein kinase 14'
2 non-polymer 'octyl beta-D-glucopyranoside'
3 non-polymer 3-(2,5-dimethoxyphenyl)-~{N}-[4-[5-(4-fluorophenyl)-2-[(~{E})-(4-fluorophenyl)diazenyl]-3-methyl-imidazol-4-yl]pyridin-2-yl]propanamide
4 water water
#
_entity_poly.entity_id   1
_entity_poly.type   'polypeptide(L)'
_entity_poly.pdbx_seq_one_letter_code
;GSHSQERPTFYRQELNKTIWEVPERYQNLSPVGSGAYGSVCAAFDTKTGLRVAVKKLSRPFQSIIHAKRTYRELRLLKHM
KHENVIGLLDVFTPARSLEEFNDVYLVTHLMGADLNNIVKCQKLTDDHVQFLIYQILRGLKYIHSADIIHRDLKPSNLAV
NEDCELKILDFGLARHTDDEMTGYVATRWYRAPEIMLNWMHYNQTVDIWSVGCIMAELLTGRTLFPGTDHIDQLKLILRL
VGTPGAELLKKISSESARNYIQSLTQMPKMNFANVFIGANPLAVDLLEKMLVLDSDKRITAAQALAHAYFAQYHDPDDEP
VADPYDQSFESRDLLIDEWKSLTYDEVISFVPPPLDQEEMES
;
_entity_poly.pdbx_strand_id   A
#
loop_
_chem_comp.id
_chem_comp.type
_chem_comp.name
_chem_comp.formula
BOG D-saccharide 'octyl beta-D-glucopyranoside' 'C14 H28 O6'
GEW non-polymer 3-(2,5-dimethoxyphenyl)-~{N}-[4-[5-(4-fluorophenyl)-2-[(~{E})-(4-fluorophenyl)diazenyl]-3-methyl-imidazol-4-yl]pyridin-2-yl]propanamide 'C32 H28 F2 N6 O3'
#
# COMPACT_ATOMS: atom_id res chain seq x y z
N ARG A 7 -13.10 10.38 -28.16
CA ARG A 7 -13.83 11.59 -28.51
C ARG A 7 -13.25 12.93 -27.98
N PRO A 8 -12.50 12.94 -26.86
CA PRO A 8 -11.82 14.19 -26.50
C PRO A 8 -10.84 14.62 -27.58
N THR A 9 -10.64 15.93 -27.69
CA THR A 9 -9.57 16.42 -28.53
C THR A 9 -8.26 16.28 -27.77
N PHE A 10 -7.29 15.62 -28.40
CA PHE A 10 -5.98 15.44 -27.82
C PHE A 10 -5.03 16.49 -28.36
N TYR A 11 -3.95 16.73 -27.62
CA TYR A 11 -2.81 17.45 -28.15
C TYR A 11 -1.55 16.65 -27.85
N ARG A 12 -0.49 16.95 -28.59
CA ARG A 12 0.77 16.23 -28.50
C ARG A 12 1.88 17.18 -28.04
N GLN A 13 2.73 16.69 -27.14
CA GLN A 13 3.78 17.49 -26.54
C GLN A 13 4.92 16.56 -26.17
N GLU A 14 6.16 16.99 -26.43
CA GLU A 14 7.29 16.14 -26.04
C GLU A 14 7.62 16.36 -24.57
N LEU A 15 7.58 15.27 -23.81
CA LEU A 15 7.88 15.26 -22.40
C LEU A 15 8.59 13.96 -22.06
N ASN A 16 9.52 14.01 -21.12
CA ASN A 16 10.29 12.85 -20.70
C ASN A 16 10.76 12.06 -21.91
N LYS A 17 11.16 12.78 -22.97
CA LYS A 17 11.82 12.25 -24.15
C LYS A 17 10.93 11.35 -25.00
N THR A 18 9.60 11.45 -24.88
CA THR A 18 8.68 10.83 -25.81
C THR A 18 7.55 11.83 -26.11
N ILE A 19 6.78 11.54 -27.15
CA ILE A 19 5.63 12.37 -27.48
C ILE A 19 4.45 11.91 -26.61
N TRP A 20 4.04 12.77 -25.68
CA TRP A 20 2.83 12.54 -24.91
C TRP A 20 1.64 13.05 -25.70
N GLU A 21 0.55 12.26 -25.71
CA GLU A 21 -0.67 12.66 -26.39
C GLU A 21 -1.81 12.53 -25.39
N VAL A 22 -2.33 13.66 -24.90
CA VAL A 22 -3.31 13.64 -23.81
C VAL A 22 -4.49 14.51 -24.19
N PRO A 23 -5.65 14.26 -23.57
CA PRO A 23 -6.81 15.14 -23.79
C PRO A 23 -6.52 16.56 -23.32
N GLU A 24 -7.10 17.54 -24.03
CA GLU A 24 -6.79 18.94 -23.76
C GLU A 24 -7.25 19.39 -22.38
N ARG A 25 -8.11 18.63 -21.71
CA ARG A 25 -8.47 18.99 -20.34
C ARG A 25 -7.25 19.02 -19.42
N TYR A 26 -6.23 18.19 -19.70
CA TYR A 26 -5.04 18.14 -18.87
C TYR A 26 -4.02 19.14 -19.38
N GLN A 27 -3.81 20.20 -18.60
CA GLN A 27 -3.00 21.34 -19.01
C GLN A 27 -1.72 21.41 -18.19
N ASN A 28 -0.72 22.08 -18.76
CA ASN A 28 0.50 22.47 -18.04
C ASN A 28 1.25 21.24 -17.51
N LEU A 29 1.48 20.26 -18.40
CA LEU A 29 2.18 19.07 -17.97
C LEU A 29 3.63 19.40 -17.61
N SER A 30 4.09 18.85 -16.49
CA SER A 30 5.48 19.03 -16.08
C SER A 30 5.99 17.75 -15.44
N PRO A 31 7.14 17.25 -15.87
CA PRO A 31 7.65 15.98 -15.35
C PRO A 31 7.90 16.05 -13.84
N VAL A 32 7.49 15.00 -13.15
CA VAL A 32 7.79 14.87 -11.72
C VAL A 32 8.54 13.58 -11.39
N GLY A 33 8.52 12.57 -12.24
CA GLY A 33 9.23 11.35 -11.95
C GLY A 33 9.24 10.41 -13.13
N SER A 34 10.23 9.52 -13.13
CA SER A 34 10.30 8.48 -14.14
C SER A 34 11.10 7.30 -13.59
N GLY A 35 11.11 6.23 -14.36
CA GLY A 35 11.75 4.99 -13.97
C GLY A 35 11.40 3.95 -15.01
N ALA A 36 11.82 2.71 -14.74
CA ALA A 36 11.56 1.62 -15.68
C ALA A 36 10.06 1.46 -15.94
N TYR A 37 9.22 1.80 -14.96
CA TYR A 37 7.77 1.64 -15.08
C TYR A 37 7.17 2.56 -16.14
N GLY A 38 7.78 3.71 -16.38
CA GLY A 38 7.19 4.76 -17.16
C GLY A 38 7.59 6.11 -16.59
N SER A 39 6.76 7.11 -16.84
CA SER A 39 7.06 8.43 -16.28
C SER A 39 5.77 9.13 -15.92
N VAL A 40 5.89 10.10 -15.01
CA VAL A 40 4.75 10.78 -14.42
C VAL A 40 4.92 12.27 -14.63
N CYS A 41 3.85 12.94 -15.05
CA CYS A 41 3.80 14.40 -15.11
C CYS A 41 2.72 14.91 -14.17
N ALA A 42 2.99 16.04 -13.53
CA ALA A 42 1.94 16.81 -12.90
C ALA A 42 1.19 17.59 -13.96
N ALA A 43 -0.11 17.75 -13.77
CA ALA A 43 -0.93 18.52 -14.69
C ALA A 43 -2.08 19.14 -13.91
N PHE A 44 -2.79 20.04 -14.57
CA PHE A 44 -4.01 20.61 -14.01
C PHE A 44 -5.18 20.14 -14.87
N ASP A 45 -6.12 19.44 -14.24
CA ASP A 45 -7.31 18.97 -14.92
C ASP A 45 -8.33 20.10 -14.90
N THR A 46 -8.45 20.81 -16.02
CA THR A 46 -9.33 21.98 -16.06
C THR A 46 -10.79 21.58 -15.86
N LYS A 47 -11.13 20.34 -16.17
CA LYS A 47 -12.54 19.95 -16.11
C LYS A 47 -13.00 19.72 -14.68
N THR A 48 -12.10 19.27 -13.80
CA THR A 48 -12.42 19.05 -12.40
C THR A 48 -11.83 20.10 -11.47
N GLY A 49 -10.89 20.92 -11.94
CA GLY A 49 -10.17 21.82 -11.07
C GLY A 49 -9.16 21.15 -10.16
N LEU A 50 -8.79 19.92 -10.46
CA LEU A 50 -7.86 19.16 -9.63
C LEU A 50 -6.45 19.20 -10.22
N ARG A 51 -5.46 19.31 -9.33
CA ARG A 51 -4.08 18.97 -9.69
C ARG A 51 -3.97 17.46 -9.75
N VAL A 52 -3.43 16.95 -10.86
CA VAL A 52 -3.42 15.52 -11.10
C VAL A 52 -2.02 15.06 -11.47
N ALA A 53 -1.80 13.77 -11.32
CA ALA A 53 -0.61 13.10 -11.82
C ALA A 53 -1.02 12.22 -12.97
N VAL A 54 -0.33 12.38 -14.10
CA VAL A 54 -0.59 11.60 -15.31
C VAL A 54 0.60 10.67 -15.51
N LYS A 55 0.36 9.37 -15.53
CA LYS A 55 1.42 8.40 -15.73
C LYS A 55 1.27 7.77 -17.11
N LYS A 56 2.33 7.85 -17.91
CA LYS A 56 2.41 7.14 -19.17
C LYS A 56 3.22 5.87 -18.94
N LEU A 57 2.57 4.73 -19.14
CA LEU A 57 3.27 3.47 -18.92
C LEU A 57 4.36 3.27 -19.96
N SER A 58 5.48 2.70 -19.52
CA SER A 58 6.58 2.37 -20.41
C SER A 58 6.46 0.90 -20.81
N ARG A 59 6.61 0.64 -22.11
CA ARG A 59 6.62 -0.71 -22.65
C ARG A 59 5.44 -1.56 -22.16
N PRO A 60 4.21 -1.03 -22.21
CA PRO A 60 3.11 -1.73 -21.54
C PRO A 60 2.80 -3.10 -22.13
N PHE A 61 3.05 -3.31 -23.42
CA PHE A 61 2.73 -4.58 -24.05
C PHE A 61 3.95 -5.17 -24.74
N GLN A 62 5.15 -4.94 -24.18
CA GLN A 62 6.38 -5.43 -24.81
C GLN A 62 6.49 -6.94 -24.76
N SER A 63 5.94 -7.55 -23.72
CA SER A 63 6.05 -8.98 -23.49
C SER A 63 4.79 -9.45 -22.77
N ILE A 64 4.65 -10.77 -22.66
CA ILE A 64 3.51 -11.33 -21.92
C ILE A 64 3.51 -10.82 -20.49
N ILE A 65 4.67 -10.82 -19.83
CA ILE A 65 4.75 -10.37 -18.46
C ILE A 65 4.40 -8.90 -18.34
N HIS A 66 4.93 -8.06 -19.24
CA HIS A 66 4.57 -6.64 -19.25
CA HIS A 66 4.57 -6.65 -19.23
C HIS A 66 3.08 -6.45 -19.44
N ALA A 67 2.51 -7.15 -20.42
CA ALA A 67 1.09 -6.99 -20.71
C ALA A 67 0.23 -7.38 -19.52
N LYS A 68 0.55 -8.52 -18.89
CA LYS A 68 -0.20 -8.94 -17.72
C LYS A 68 -0.02 -7.96 -16.55
N ARG A 69 1.17 -7.38 -16.43
CA ARG A 69 1.38 -6.38 -15.39
CA ARG A 69 1.41 -6.37 -15.40
C ARG A 69 0.56 -5.14 -15.65
N THR A 70 0.44 -4.73 -16.91
CA THR A 70 -0.37 -3.55 -17.24
C THR A 70 -1.83 -3.82 -16.90
N TYR A 71 -2.31 -5.01 -17.27
CA TYR A 71 -3.70 -5.38 -16.98
C TYR A 71 -3.94 -5.43 -15.48
N ARG A 72 -3.00 -6.04 -14.74
CA ARG A 72 -3.11 -6.13 -13.29
C ARG A 72 -3.23 -4.75 -12.66
N GLU A 73 -2.40 -3.82 -13.11
CA GLU A 73 -2.39 -2.49 -12.51
C GLU A 73 -3.69 -1.74 -12.82
N LEU A 74 -4.17 -1.83 -14.06
CA LEU A 74 -5.42 -1.16 -14.39
C LEU A 74 -6.59 -1.79 -13.66
N ARG A 75 -6.67 -3.14 -13.63
CA ARG A 75 -7.73 -3.78 -12.86
C ARG A 75 -7.75 -3.31 -11.41
N LEU A 76 -6.58 -3.26 -10.78
CA LEU A 76 -6.51 -2.88 -9.38
C LEU A 76 -6.97 -1.45 -9.17
N LEU A 77 -6.42 -0.52 -9.96
CA LEU A 77 -6.77 0.89 -9.77
C LEU A 77 -8.23 1.17 -10.09
N LYS A 78 -8.80 0.45 -11.07
CA LYS A 78 -10.22 0.60 -11.36
C LYS A 78 -11.09 0.10 -10.22
N HIS A 79 -10.62 -0.88 -9.43
CA HIS A 79 -11.47 -1.45 -8.40
C HIS A 79 -11.44 -0.66 -7.11
N MET A 80 -10.33 0.02 -6.80
CA MET A 80 -10.15 0.69 -5.52
C MET A 80 -10.95 1.99 -5.49
N LYS A 81 -12.03 2.00 -4.72
CA LYS A 81 -12.89 3.18 -4.60
C LYS A 81 -13.13 3.44 -3.11
N HIS A 82 -12.18 4.13 -2.49
CA HIS A 82 -12.20 4.37 -1.05
C HIS A 82 -11.37 5.61 -0.74
N GLU A 83 -11.83 6.41 0.24
CA GLU A 83 -11.16 7.67 0.57
C GLU A 83 -9.70 7.49 1.00
N ASN A 84 -9.35 6.35 1.60
CA ASN A 84 -8.00 6.14 2.12
C ASN A 84 -7.17 5.19 1.26
N VAL A 85 -7.56 5.01 0.00
CA VAL A 85 -6.80 4.19 -0.95
C VAL A 85 -6.68 4.99 -2.25
N ILE A 86 -5.50 4.90 -2.88
CA ILE A 86 -5.36 5.52 -4.20
C ILE A 86 -6.47 5.03 -5.12
N GLY A 87 -7.01 5.96 -5.91
CA GLY A 87 -8.05 5.64 -6.85
C GLY A 87 -7.77 6.26 -8.22
N LEU A 88 -8.53 5.82 -9.20
CA LEU A 88 -8.30 6.21 -10.58
C LEU A 88 -9.27 7.32 -10.97
N LEU A 89 -8.72 8.48 -11.33
CA LEU A 89 -9.55 9.58 -11.83
C LEU A 89 -9.88 9.40 -13.32
N ASP A 90 -8.97 8.77 -14.07
CA ASP A 90 -9.12 8.67 -15.51
C ASP A 90 -8.11 7.67 -16.03
N VAL A 91 -8.44 7.05 -17.15
CA VAL A 91 -7.49 6.26 -17.91
C VAL A 91 -7.81 6.50 -19.38
N PHE A 92 -6.77 6.73 -20.17
CA PHE A 92 -7.04 7.04 -21.58
C PHE A 92 -5.93 6.52 -22.47
N THR A 93 -6.25 6.47 -23.76
CA THR A 93 -5.31 6.16 -24.82
C THR A 93 -5.65 7.03 -26.01
N PRO A 94 -4.65 7.54 -26.74
CA PRO A 94 -4.95 8.24 -27.99
C PRO A 94 -5.47 7.32 -29.08
N ALA A 95 -5.31 6.01 -28.94
CA ALA A 95 -5.72 5.07 -29.97
C ALA A 95 -7.23 5.13 -30.20
N ARG A 96 -7.62 5.04 -31.46
CA ARG A 96 -9.03 5.04 -31.84
C ARG A 96 -9.60 3.64 -32.00
N SER A 97 -8.76 2.62 -31.90
CA SER A 97 -9.19 1.25 -32.07
C SER A 97 -8.18 0.34 -31.37
N LEU A 98 -8.61 -0.90 -31.12
CA LEU A 98 -7.69 -1.90 -30.59
C LEU A 98 -6.46 -2.03 -31.48
N GLU A 99 -6.64 -1.88 -32.79
CA GLU A 99 -5.55 -2.13 -33.73
C GLU A 99 -4.39 -1.15 -33.54
N GLU A 100 -4.68 0.10 -33.18
CA GLU A 100 -3.63 1.09 -32.96
C GLU A 100 -3.36 1.34 -31.48
N PHE A 101 -3.81 0.43 -30.61
CA PHE A 101 -3.67 0.58 -29.17
C PHE A 101 -2.26 0.21 -28.76
N ASN A 102 -1.47 1.19 -28.33
CA ASN A 102 -0.10 0.95 -27.91
C ASN A 102 0.28 1.62 -26.61
N ASP A 103 -0.40 2.70 -26.21
CA ASP A 103 -0.03 3.48 -25.03
C ASP A 103 -1.19 3.56 -24.05
N VAL A 104 -0.85 3.56 -22.76
CA VAL A 104 -1.81 3.66 -21.68
C VAL A 104 -1.39 4.79 -20.76
N TYR A 105 -2.33 5.67 -20.42
CA TYR A 105 -2.09 6.77 -19.50
C TYR A 105 -3.05 6.63 -18.33
N LEU A 106 -2.53 6.77 -17.11
CA LEU A 106 -3.34 6.70 -15.90
C LEU A 106 -3.30 8.03 -15.17
N VAL A 107 -4.43 8.43 -14.59
CA VAL A 107 -4.57 9.73 -13.92
C VAL A 107 -5.07 9.52 -12.49
N THR A 108 -4.40 10.15 -11.52
CA THR A 108 -4.92 10.20 -10.16
CA THR A 108 -4.82 10.17 -10.11
C THR A 108 -4.60 11.56 -9.56
N HIS A 109 -5.01 11.75 -8.30
CA HIS A 109 -4.72 12.99 -7.60
C HIS A 109 -3.22 13.20 -7.50
N LEU A 110 -2.78 14.43 -7.73
CA LEU A 110 -1.37 14.75 -7.51
C LEU A 110 -1.06 14.69 -6.02
N MET A 111 -0.05 13.91 -5.66
CA MET A 111 0.36 13.79 -4.28
CA MET A 111 0.40 13.73 -4.28
C MET A 111 1.76 14.38 -4.10
N GLY A 112 1.93 15.10 -3.00
CA GLY A 112 3.20 15.80 -2.80
C GLY A 112 3.91 15.52 -1.50
N ALA A 113 3.37 14.64 -0.67
CA ALA A 113 3.96 14.36 0.63
C ALA A 113 3.56 12.97 1.08
N ASP A 114 4.50 12.27 1.71
CA ASP A 114 4.21 10.98 2.32
C ASP A 114 4.33 11.10 3.84
N LEU A 115 4.11 9.97 4.53
CA LEU A 115 4.06 10.00 5.99
C LEU A 115 5.39 10.40 6.61
N ASN A 116 6.52 9.99 6.02
CA ASN A 116 7.82 10.48 6.48
C ASN A 116 7.88 12.01 6.48
N ASN A 117 7.38 12.66 5.42
CA ASN A 117 7.43 14.11 5.34
C ASN A 117 6.60 14.78 6.43
N ILE A 118 5.54 14.11 6.90
CA ILE A 118 4.70 14.65 7.97
C ILE A 118 5.38 14.51 9.32
N VAL A 119 6.14 13.45 9.54
CA VAL A 119 6.66 13.12 10.85
C VAL A 119 8.01 13.77 11.12
N LYS A 120 8.97 13.62 10.20
CA LYS A 120 10.28 14.27 10.29
C LYS A 120 11.02 13.85 11.55
N CYS A 121 10.88 12.56 11.89
CA CYS A 121 11.56 11.93 13.03
C CYS A 121 11.13 12.54 14.36
N GLN A 122 9.94 13.16 14.42
CA GLN A 122 9.41 13.74 15.63
C GLN A 122 8.35 12.84 16.24
N LYS A 123 8.17 12.96 17.55
CA LYS A 123 6.97 12.41 18.15
C LYS A 123 5.75 13.18 17.65
N LEU A 124 4.70 12.46 17.29
CA LEU A 124 3.43 13.11 17.06
C LEU A 124 2.60 13.09 18.34
N THR A 125 1.66 14.03 18.44
CA THR A 125 0.72 13.99 19.55
C THR A 125 -0.14 12.74 19.44
N ASP A 126 -0.67 12.31 20.58
CA ASP A 126 -1.49 11.09 20.58
C ASP A 126 -2.73 11.24 19.70
N ASP A 127 -3.42 12.39 19.77
CA ASP A 127 -4.58 12.62 18.90
CA ASP A 127 -4.59 12.57 18.90
C ASP A 127 -4.20 12.50 17.43
N HIS A 128 -3.01 13.03 17.08
CA HIS A 128 -2.55 12.94 15.70
C HIS A 128 -2.29 11.49 15.29
N VAL A 129 -1.66 10.71 16.17
CA VAL A 129 -1.43 9.30 15.87
C VAL A 129 -2.74 8.56 15.69
N GLN A 130 -3.72 8.81 16.58
CA GLN A 130 -5.03 8.18 16.43
C GLN A 130 -5.60 8.43 15.04
N PHE A 131 -5.55 9.68 14.59
CA PHE A 131 -6.15 10.04 13.31
C PHE A 131 -5.45 9.37 12.13
N LEU A 132 -4.11 9.36 12.15
CA LEU A 132 -3.36 8.75 11.05
C LEU A 132 -3.54 7.24 11.02
N ILE A 133 -3.38 6.58 12.17
CA ILE A 133 -3.51 5.12 12.19
C ILE A 133 -4.94 4.71 11.88
N TYR A 134 -5.92 5.49 12.37
CA TYR A 134 -7.33 5.24 12.03
C TYR A 134 -7.53 5.17 10.52
N GLN A 135 -6.97 6.14 9.79
CA GLN A 135 -7.16 6.17 8.34
C GLN A 135 -6.46 5.01 7.65
N ILE A 136 -5.25 4.65 8.11
CA ILE A 136 -4.58 3.47 7.56
C ILE A 136 -5.43 2.23 7.73
N LEU A 137 -5.94 2.02 8.96
CA LEU A 137 -6.76 0.84 9.22
C LEU A 137 -8.07 0.87 8.45
N ARG A 138 -8.65 2.06 8.27
CA ARG A 138 -9.89 2.14 7.48
C ARG A 138 -9.62 1.71 6.05
N GLY A 139 -8.52 2.18 5.47
CA GLY A 139 -8.14 1.74 4.14
C GLY A 139 -7.81 0.27 4.07
N LEU A 140 -7.13 -0.26 5.10
CA LEU A 140 -6.77 -1.68 5.09
C LEU A 140 -8.01 -2.57 5.22
N LYS A 141 -8.99 -2.16 6.05
CA LYS A 141 -10.23 -2.92 6.11
C LYS A 141 -10.82 -3.09 4.72
N TYR A 142 -10.84 -2.00 3.95
CA TYR A 142 -11.35 -2.05 2.58
C TYR A 142 -10.49 -2.95 1.71
N ILE A 143 -9.17 -2.75 1.72
CA ILE A 143 -8.29 -3.55 0.87
C ILE A 143 -8.41 -5.03 1.20
N HIS A 144 -8.38 -5.37 2.50
CA HIS A 144 -8.45 -6.77 2.90
C HIS A 144 -9.79 -7.40 2.55
N SER A 145 -10.88 -6.63 2.62
CA SER A 145 -12.20 -7.13 2.27
C SER A 145 -12.30 -7.54 0.80
N ALA A 146 -11.43 -6.99 -0.06
CA ALA A 146 -11.29 -7.44 -1.45
C ALA A 146 -10.33 -8.61 -1.60
N ASP A 147 -9.92 -9.23 -0.48
CA ASP A 147 -8.96 -10.34 -0.46
C ASP A 147 -7.65 -9.93 -1.14
N ILE A 148 -7.19 -8.73 -0.84
CA ILE A 148 -5.90 -8.20 -1.29
C ILE A 148 -5.04 -8.02 -0.05
N ILE A 149 -3.76 -8.37 -0.18
CA ILE A 149 -2.77 -8.10 0.87
C ILE A 149 -1.74 -7.14 0.29
N HIS A 150 -1.44 -6.07 1.02
CA HIS A 150 -0.47 -5.10 0.50
C HIS A 150 0.93 -5.69 0.47
N ARG A 151 1.40 -6.22 1.60
CA ARG A 151 2.63 -6.98 1.81
CA ARG A 151 2.63 -6.99 1.80
C ARG A 151 3.88 -6.11 1.94
N ASP A 152 3.80 -4.81 1.66
CA ASP A 152 4.98 -3.96 1.86
C ASP A 152 4.54 -2.57 2.30
N LEU A 153 3.63 -2.53 3.27
CA LEU A 153 3.16 -1.26 3.80
C LEU A 153 4.26 -0.55 4.59
N LYS A 154 4.44 0.74 4.34
CA LYS A 154 5.52 1.51 4.93
C LYS A 154 5.19 2.99 4.76
N PRO A 155 5.83 3.87 5.54
CA PRO A 155 5.49 5.30 5.45
C PRO A 155 5.62 5.88 4.05
N SER A 156 6.57 5.41 3.24
CA SER A 156 6.73 5.96 1.90
C SER A 156 5.60 5.55 0.97
N ASN A 157 4.80 4.56 1.34
CA ASN A 157 3.62 4.14 0.59
C ASN A 157 2.33 4.77 1.11
N LEU A 158 2.43 5.79 1.96
CA LEU A 158 1.28 6.43 2.58
C LEU A 158 1.32 7.92 2.24
N ALA A 159 0.44 8.35 1.34
CA ALA A 159 0.38 9.76 0.96
C ALA A 159 -0.45 10.52 1.98
N VAL A 160 -0.06 11.74 2.30
CA VAL A 160 -0.83 12.55 3.24
C VAL A 160 -0.84 13.98 2.72
N ASN A 161 -2.03 14.57 2.58
CA ASN A 161 -2.14 15.93 2.06
C ASN A 161 -2.08 16.93 3.22
N GLU A 162 -2.35 18.21 2.94
CA GLU A 162 -2.21 19.25 3.96
C GLU A 162 -3.29 19.19 5.04
N ASP A 163 -4.45 18.61 4.75
CA ASP A 163 -5.46 18.38 5.78
C ASP A 163 -5.27 17.06 6.49
N CYS A 164 -4.10 16.44 6.34
CA CYS A 164 -3.78 15.19 7.01
C CYS A 164 -4.66 14.05 6.54
N GLU A 165 -5.22 14.16 5.34
CA GLU A 165 -5.98 13.07 4.75
C GLU A 165 -5.01 12.08 4.12
N LEU A 166 -5.17 10.80 4.45
CA LEU A 166 -4.18 9.79 4.13
C LEU A 166 -4.72 8.82 3.10
N LYS A 167 -3.84 8.38 2.19
CA LYS A 167 -4.16 7.37 1.19
C LYS A 167 -3.07 6.31 1.14
N ILE A 168 -3.48 5.04 1.12
CA ILE A 168 -2.55 3.93 0.90
C ILE A 168 -2.24 3.85 -0.59
N LEU A 169 -0.95 3.77 -0.90
CA LEU A 169 -0.45 3.62 -2.26
C LEU A 169 0.21 2.26 -2.41
N ASP A 170 0.41 1.85 -3.65
CA ASP A 170 1.26 0.70 -3.94
C ASP A 170 2.57 1.09 -4.61
N PHE A 171 3.10 2.25 -4.22
CA PHE A 171 4.39 2.77 -4.69
C PHE A 171 4.79 3.91 -3.76
N GLY A 172 6.05 4.32 -3.87
CA GLY A 172 6.54 5.48 -3.18
C GLY A 172 6.59 6.70 -4.09
N LEU A 173 6.56 7.88 -3.48
CA LEU A 173 6.53 9.13 -4.22
C LEU A 173 7.93 9.56 -4.68
N ALA A 174 7.98 10.21 -5.84
CA ALA A 174 9.23 10.58 -6.50
C ALA A 174 10.15 11.41 -5.59
N THR A 187 13.45 -0.47 1.90
CA THR A 187 13.55 -0.65 3.35
C THR A 187 12.67 -1.80 3.84
N ARG A 188 13.22 -2.59 4.77
CA ARG A 188 12.58 -3.77 5.32
C ARG A 188 12.11 -3.57 6.75
N TRP A 189 12.21 -2.35 7.28
CA TRP A 189 11.98 -2.13 8.70
C TRP A 189 10.54 -2.37 9.12
N TYR A 190 9.60 -2.38 8.17
CA TYR A 190 8.18 -2.51 8.47
C TYR A 190 7.61 -3.86 8.06
N ARG A 191 8.44 -4.77 7.54
CA ARG A 191 7.95 -6.04 7.01
C ARG A 191 7.67 -7.04 8.12
N ALA A 192 6.58 -7.79 7.93
CA ALA A 192 6.25 -8.85 8.88
C ALA A 192 7.37 -9.90 8.90
N PRO A 193 7.66 -10.49 10.05
CA PRO A 193 8.76 -11.46 10.12
C PRO A 193 8.57 -12.67 9.21
N GLU A 194 7.33 -13.12 9.00
CA GLU A 194 7.10 -14.26 8.11
C GLU A 194 7.40 -13.90 6.65
N ILE A 195 7.21 -12.64 6.27
CA ILE A 195 7.62 -12.19 4.93
C ILE A 195 9.13 -12.25 4.80
N MET A 196 9.84 -11.77 5.82
CA MET A 196 11.30 -11.84 5.84
CA MET A 196 11.30 -11.84 5.75
C MET A 196 11.82 -13.26 5.71
N LEU A 197 11.04 -14.25 6.12
CA LEU A 197 11.47 -15.65 6.13
C LEU A 197 10.90 -16.46 4.99
N ASN A 198 10.28 -15.81 4.00
CA ASN A 198 9.73 -16.49 2.82
C ASN A 198 8.76 -17.59 3.24
N TRP A 199 7.92 -17.28 4.22
CA TRP A 199 7.04 -18.29 4.81
C TRP A 199 5.98 -18.76 3.82
N MET A 200 5.48 -17.85 2.98
CA MET A 200 4.28 -18.07 2.18
C MET A 200 3.05 -18.28 3.06
N HIS A 201 1.92 -18.64 2.46
CA HIS A 201 0.63 -18.72 3.16
C HIS A 201 0.31 -17.45 3.95
N TYR A 202 0.56 -16.28 3.36
CA TYR A 202 0.51 -15.06 4.16
C TYR A 202 -0.91 -14.71 4.62
N ASN A 203 -1.00 -14.31 5.88
CA ASN A 203 -2.21 -13.75 6.46
C ASN A 203 -2.33 -12.28 6.07
N GLN A 204 -3.58 -11.79 5.97
CA GLN A 204 -3.76 -10.35 5.80
C GLN A 204 -3.13 -9.56 6.94
N THR A 205 -2.98 -10.18 8.11
CA THR A 205 -2.34 -9.47 9.21
C THR A 205 -0.85 -9.26 9.01
N VAL A 206 -0.24 -9.68 7.88
CA VAL A 206 1.11 -9.16 7.64
C VAL A 206 1.07 -7.64 7.56
N ASP A 207 -0.05 -7.06 7.07
CA ASP A 207 -0.13 -5.61 6.99
C ASP A 207 -0.34 -4.99 8.36
N ILE A 208 -1.00 -5.72 9.27
CA ILE A 208 -1.20 -5.21 10.63
C ILE A 208 0.13 -5.11 11.36
N TRP A 209 1.03 -6.08 11.14
CA TRP A 209 2.38 -5.94 11.66
C TRP A 209 2.98 -4.61 11.22
N SER A 210 2.87 -4.30 9.93
CA SER A 210 3.44 -3.05 9.43
C SER A 210 2.80 -1.83 10.10
N VAL A 211 1.48 -1.87 10.31
CA VAL A 211 0.81 -0.77 10.99
C VAL A 211 1.37 -0.60 12.39
N GLY A 212 1.59 -1.70 13.10
CA GLY A 212 2.19 -1.61 14.42
C GLY A 212 3.55 -0.95 14.41
N CYS A 213 4.38 -1.31 13.41
CA CYS A 213 5.70 -0.67 13.32
C CYS A 213 5.57 0.82 13.03
N ILE A 214 4.62 1.20 12.17
CA ILE A 214 4.43 2.61 11.85
C ILE A 214 3.91 3.36 13.06
N MET A 215 2.88 2.81 13.72
CA MET A 215 2.31 3.46 14.89
C MET A 215 3.35 3.68 15.98
N ALA A 216 4.17 2.65 16.27
CA ALA A 216 5.21 2.80 17.28
C ALA A 216 6.15 3.95 16.94
N GLU A 217 6.54 4.06 15.67
CA GLU A 217 7.44 5.13 15.26
C GLU A 217 6.77 6.50 15.38
N LEU A 218 5.48 6.59 15.07
CA LEU A 218 4.79 7.87 15.23
C LEU A 218 4.74 8.31 16.69
N LEU A 219 4.60 7.35 17.61
CA LEU A 219 4.52 7.68 19.02
C LEU A 219 5.89 8.06 19.60
N THR A 220 6.94 7.36 19.20
CA THR A 220 8.26 7.57 19.79
C THR A 220 9.16 8.49 18.98
N GLY A 221 8.86 8.67 17.69
CA GLY A 221 9.81 9.37 16.84
C GLY A 221 11.04 8.55 16.49
N ARG A 222 11.00 7.24 16.69
CA ARG A 222 12.14 6.37 16.39
C ARG A 222 11.65 5.13 15.66
N THR A 223 12.45 4.67 14.69
CA THR A 223 12.14 3.39 14.04
C THR A 223 12.10 2.29 15.09
N LEU A 224 11.07 1.43 15.02
CA LEU A 224 10.93 0.38 16.02
C LEU A 224 11.99 -0.71 15.82
N PHE A 225 12.17 -1.18 14.59
CA PHE A 225 13.09 -2.28 14.29
C PHE A 225 14.07 -1.88 13.19
N PRO A 226 15.06 -1.03 13.51
CA PRO A 226 15.97 -0.54 12.45
C PRO A 226 17.12 -1.50 12.17
N GLY A 227 16.80 -2.64 11.57
CA GLY A 227 17.81 -3.64 11.32
C GLY A 227 18.79 -3.21 10.24
N THR A 228 20.02 -3.67 10.38
CA THR A 228 21.08 -3.39 9.43
C THR A 228 21.07 -4.33 8.23
N ASP A 229 20.48 -5.50 8.39
CA ASP A 229 20.39 -6.52 7.34
C ASP A 229 19.24 -7.45 7.74
N HIS A 230 19.07 -8.54 6.98
CA HIS A 230 17.93 -9.43 7.21
C HIS A 230 17.98 -10.05 8.60
N ILE A 231 19.11 -10.66 8.95
CA ILE A 231 19.20 -11.36 10.23
C ILE A 231 19.09 -10.38 11.39
N ASP A 232 19.73 -9.21 11.28
CA ASP A 232 19.62 -8.20 12.33
C ASP A 232 18.18 -7.77 12.52
N GLN A 233 17.43 -7.63 11.42
CA GLN A 233 16.01 -7.29 11.51
C GLN A 233 15.26 -8.29 12.37
N LEU A 234 15.46 -9.59 12.11
CA LEU A 234 14.81 -10.63 12.90
C LEU A 234 15.28 -10.60 14.36
N LYS A 235 16.57 -10.37 14.57
CA LYS A 235 17.10 -10.30 15.94
C LYS A 235 16.41 -9.20 16.75
N LEU A 236 16.25 -8.01 16.16
CA LEU A 236 15.60 -6.92 16.87
C LEU A 236 14.14 -7.24 17.16
N ILE A 237 13.47 -7.91 16.24
CA ILE A 237 12.06 -8.25 16.44
C ILE A 237 11.90 -9.20 17.62
N LEU A 238 12.76 -10.23 17.69
CA LEU A 238 12.62 -11.22 18.76
C LEU A 238 12.96 -10.63 20.12
N ARG A 239 13.81 -9.60 20.15
CA ARG A 239 14.11 -8.98 21.43
C ARG A 239 12.89 -8.28 22.01
N LEU A 240 12.00 -7.75 21.16
CA LEU A 240 10.81 -7.08 21.69
C LEU A 240 9.71 -8.08 22.00
N VAL A 241 9.37 -8.95 21.05
CA VAL A 241 8.19 -9.80 21.14
C VAL A 241 8.49 -11.17 21.74
N GLY A 242 9.75 -11.48 22.01
CA GLY A 242 10.12 -12.75 22.57
C GLY A 242 10.30 -13.83 21.52
N THR A 243 10.95 -14.91 21.92
CA THR A 243 11.11 -16.06 21.05
C THR A 243 9.77 -16.81 20.94
N PRO A 244 9.59 -17.59 19.87
CA PRO A 244 8.29 -18.23 19.64
C PRO A 244 7.84 -19.11 20.80
N GLY A 245 6.56 -19.01 21.12
CA GLY A 245 6.00 -19.83 22.18
C GLY A 245 5.59 -21.21 21.70
N ALA A 246 5.10 -22.01 22.65
CA ALA A 246 4.76 -23.39 22.35
C ALA A 246 3.66 -23.47 21.29
N GLU A 247 2.62 -22.65 21.43
CA GLU A 247 1.50 -22.71 20.50
C GLU A 247 1.91 -22.31 19.09
N LEU A 248 2.85 -21.36 18.96
CA LEU A 248 3.34 -21.00 17.64
C LEU A 248 4.24 -22.08 17.06
N LEU A 249 5.08 -22.71 17.90
CA LEU A 249 5.98 -23.74 17.43
C LEU A 249 5.23 -24.94 16.84
N LYS A 250 4.04 -25.25 17.36
CA LYS A 250 3.26 -26.36 16.83
C LYS A 250 2.84 -26.17 15.40
N LYS A 251 2.87 -24.94 14.90
CA LYS A 251 2.39 -24.61 13.58
C LYS A 251 3.52 -24.46 12.56
N ILE A 252 4.74 -24.80 12.93
CA ILE A 252 5.90 -24.65 12.06
C ILE A 252 6.19 -25.99 11.41
N SER A 253 5.96 -26.08 10.11
CA SER A 253 6.17 -27.34 9.41
C SER A 253 7.62 -27.55 9.02
N SER A 254 8.39 -26.46 8.83
CA SER A 254 9.77 -26.57 8.38
C SER A 254 10.64 -27.18 9.47
N GLU A 255 11.25 -28.33 9.15
CA GLU A 255 12.15 -29.00 10.09
C GLU A 255 13.32 -28.11 10.46
N SER A 256 13.88 -27.39 9.49
CA SER A 256 15.06 -26.59 9.77
C SER A 256 14.70 -25.37 10.60
N ALA A 257 13.54 -24.76 10.35
CA ALA A 257 13.13 -23.62 11.14
C ALA A 257 12.87 -24.00 12.59
N ARG A 258 12.21 -25.14 12.81
CA ARG A 258 11.96 -25.60 14.18
C ARG A 258 13.26 -25.80 14.94
N ASN A 259 14.20 -26.53 14.34
CA ASN A 259 15.43 -26.88 15.05
C ASN A 259 16.25 -25.65 15.37
N TYR A 260 16.26 -24.67 14.46
CA TYR A 260 16.94 -23.41 14.76
C TYR A 260 16.23 -22.67 15.89
N ILE A 261 14.89 -22.60 15.82
CA ILE A 261 14.13 -21.85 16.82
C ILE A 261 14.30 -22.49 18.20
N GLN A 262 14.27 -23.82 18.26
CA GLN A 262 14.42 -24.51 19.53
C GLN A 262 15.79 -24.31 20.15
N SER A 263 16.81 -24.01 19.35
CA SER A 263 18.15 -23.81 19.90
C SER A 263 18.42 -22.36 20.29
N LEU A 264 17.43 -21.48 20.18
CA LEU A 264 17.56 -20.10 20.61
C LEU A 264 17.42 -20.01 22.12
N THR A 265 18.27 -19.19 22.74
CA THR A 265 18.02 -18.75 24.10
C THR A 265 16.65 -18.10 24.17
N GLN A 266 15.79 -18.62 25.05
CA GLN A 266 14.48 -18.01 25.21
C GLN A 266 14.62 -16.56 25.63
N MET A 267 13.66 -15.76 25.20
CA MET A 267 13.59 -14.38 25.61
C MET A 267 12.12 -14.14 25.88
N PRO A 268 11.77 -13.55 27.00
CA PRO A 268 10.36 -13.20 27.23
C PRO A 268 9.98 -12.05 26.33
N LYS A 269 8.68 -11.96 26.05
CA LYS A 269 8.15 -10.73 25.50
C LYS A 269 8.44 -9.60 26.47
N MET A 270 8.89 -8.46 25.95
CA MET A 270 9.09 -7.32 26.82
C MET A 270 7.76 -6.76 27.30
N ASN A 271 7.83 -6.01 28.38
CA ASN A 271 6.68 -5.31 28.94
C ASN A 271 6.45 -4.07 28.08
N PHE A 272 5.47 -4.13 27.17
CA PHE A 272 5.23 -3.01 26.26
C PHE A 272 4.94 -1.72 27.02
N ALA A 273 4.30 -1.83 28.19
CA ALA A 273 4.00 -0.64 28.99
C ALA A 273 5.28 0.05 29.44
N ASN A 274 6.35 -0.72 29.67
CA ASN A 274 7.63 -0.12 30.00
C ASN A 274 8.41 0.28 28.75
N VAL A 275 8.23 -0.43 27.64
CA VAL A 275 8.91 -0.04 26.40
C VAL A 275 8.38 1.29 25.89
N PHE A 276 7.05 1.44 25.86
CA PHE A 276 6.43 2.66 25.35
C PHE A 276 5.96 3.56 26.48
N ILE A 277 6.88 3.79 27.44
CA ILE A 277 6.56 4.63 28.60
C ILE A 277 6.06 5.99 28.13
N GLY A 278 5.07 6.51 28.83
CA GLY A 278 4.49 7.79 28.52
C GLY A 278 3.43 7.78 27.44
N ALA A 279 3.27 6.67 26.72
CA ALA A 279 2.21 6.58 25.72
C ALA A 279 0.87 6.30 26.36
N ASN A 280 -0.19 6.74 25.68
CA ASN A 280 -1.56 6.40 26.00
C ASN A 280 -1.66 4.90 26.24
N PRO A 281 -2.16 4.47 27.40
CA PRO A 281 -2.24 3.01 27.65
C PRO A 281 -3.09 2.27 26.64
N LEU A 282 -4.08 2.94 26.03
CA LEU A 282 -4.85 2.29 24.97
C LEU A 282 -4.01 2.13 23.71
N ALA A 283 -3.09 3.06 23.46
CA ALA A 283 -2.16 2.86 22.35
C ALA A 283 -1.25 1.65 22.63
N VAL A 284 -0.75 1.55 23.85
CA VAL A 284 0.11 0.42 24.20
C VAL A 284 -0.66 -0.90 24.06
N ASP A 285 -1.92 -0.92 24.48
CA ASP A 285 -2.74 -2.13 24.35
C ASP A 285 -2.91 -2.53 22.90
N LEU A 286 -3.13 -1.56 22.01
CA LEU A 286 -3.31 -1.86 20.59
C LEU A 286 -2.00 -2.36 19.98
N LEU A 287 -0.87 -1.75 20.34
CA LEU A 287 0.43 -2.23 19.85
C LEU A 287 0.66 -3.67 20.28
N GLU A 288 0.27 -4.03 21.50
CA GLU A 288 0.44 -5.40 21.96
C GLU A 288 -0.37 -6.38 21.13
N LYS A 289 -1.47 -5.92 20.54
CA LYS A 289 -2.32 -6.78 19.74
C LYS A 289 -1.94 -6.78 18.27
N MET A 290 -1.16 -5.81 17.81
CA MET A 290 -0.67 -5.80 16.45
C MET A 290 0.67 -6.52 16.31
N LEU A 291 1.58 -6.31 17.26
CA LEU A 291 2.95 -6.82 17.18
C LEU A 291 3.09 -8.15 17.91
N VAL A 292 2.33 -9.12 17.41
CA VAL A 292 2.35 -10.50 17.88
C VAL A 292 3.05 -11.33 16.83
N LEU A 293 4.00 -12.16 17.25
CA LEU A 293 4.75 -12.97 16.29
C LEU A 293 3.82 -13.86 15.48
N ASP A 294 2.91 -14.56 16.15
CA ASP A 294 1.96 -15.46 15.49
C ASP A 294 0.93 -14.64 14.73
N SER A 295 0.93 -14.76 13.40
CA SER A 295 0.04 -13.92 12.60
C SER A 295 -1.43 -14.25 12.84
N ASP A 296 -1.72 -15.48 13.29
CA ASP A 296 -3.10 -15.86 13.58
C ASP A 296 -3.63 -15.15 14.82
N LYS A 297 -2.76 -14.61 15.66
CA LYS A 297 -3.18 -13.95 16.89
C LYS A 297 -3.13 -12.43 16.78
N ARG A 298 -2.78 -11.90 15.61
CA ARG A 298 -2.80 -10.46 15.42
C ARG A 298 -4.22 -9.98 15.20
N ILE A 299 -4.48 -8.76 15.70
CA ILE A 299 -5.78 -8.13 15.51
C ILE A 299 -5.98 -7.81 14.04
N THR A 300 -7.22 -7.93 13.57
CA THR A 300 -7.50 -7.59 12.19
C THR A 300 -7.77 -6.09 12.05
N ALA A 301 -7.85 -5.62 10.81
CA ALA A 301 -8.14 -4.20 10.61
C ALA A 301 -9.51 -3.84 11.14
N ALA A 302 -10.52 -4.67 10.87
CA ALA A 302 -11.87 -4.38 11.37
C ALA A 302 -11.92 -4.40 12.88
N GLN A 303 -11.25 -5.37 13.51
CA GLN A 303 -11.21 -5.42 14.96
C GLN A 303 -10.49 -4.21 15.53
N ALA A 304 -9.40 -3.79 14.88
CA ALA A 304 -8.63 -2.65 15.37
C ALA A 304 -9.44 -1.36 15.30
N LEU A 305 -10.26 -1.19 14.26
CA LEU A 305 -11.08 0.03 14.17
C LEU A 305 -12.04 0.15 15.35
N ALA A 306 -12.48 -0.97 15.91
CA ALA A 306 -13.40 -0.98 17.04
C ALA A 306 -12.70 -0.83 18.38
N HIS A 307 -11.37 -0.81 18.38
CA HIS A 307 -10.61 -0.70 19.62
C HIS A 307 -10.81 0.68 20.24
N ALA A 308 -10.83 0.74 21.57
CA ALA A 308 -11.15 1.96 22.27
C ALA A 308 -10.18 3.11 21.96
N TYR A 309 -8.98 2.82 21.45
CA TYR A 309 -8.03 3.87 21.08
C TYR A 309 -8.62 4.83 20.05
N PHE A 310 -9.50 4.35 19.18
CA PHE A 310 -10.04 5.17 18.10
C PHE A 310 -11.43 5.70 18.39
N ALA A 311 -11.81 5.80 19.67
CA ALA A 311 -13.19 6.15 20.01
C ALA A 311 -13.64 7.46 19.37
N GLN A 312 -12.75 8.45 19.25
CA GLN A 312 -13.19 9.74 18.72
C GLN A 312 -13.30 9.77 17.21
N TYR A 313 -12.81 8.74 16.50
CA TYR A 313 -12.92 8.69 15.05
C TYR A 313 -13.77 7.55 14.53
N HIS A 314 -13.97 6.48 15.30
CA HIS A 314 -14.62 5.29 14.79
C HIS A 314 -16.09 5.55 14.48
N ASP A 315 -16.52 5.12 13.29
CA ASP A 315 -17.92 5.18 12.89
C ASP A 315 -18.21 3.88 12.19
N PRO A 316 -18.88 2.94 12.85
CA PRO A 316 -19.09 1.62 12.23
C PRO A 316 -19.91 1.67 10.96
N ASP A 317 -20.59 2.77 10.71
CA ASP A 317 -21.40 2.92 9.51
C ASP A 317 -20.68 3.69 8.39
N ASP A 318 -19.43 4.05 8.59
CA ASP A 318 -18.64 4.70 7.53
C ASP A 318 -17.23 4.13 7.50
N GLU A 319 -17.15 2.81 7.53
CA GLU A 319 -15.91 2.06 7.35
C GLU A 319 -16.21 0.98 6.34
N PRO A 320 -16.35 1.35 5.06
CA PRO A 320 -16.95 0.45 4.08
C PRO A 320 -15.99 -0.63 3.62
N VAL A 321 -16.58 -1.67 3.03
CA VAL A 321 -15.85 -2.77 2.45
C VAL A 321 -15.98 -2.71 0.94
N ALA A 322 -15.14 -3.48 0.25
CA ALA A 322 -15.04 -3.44 -1.19
C ALA A 322 -16.01 -4.44 -1.82
N ASP A 323 -16.42 -4.11 -3.04
CA ASP A 323 -17.09 -5.10 -3.87
C ASP A 323 -16.16 -6.29 -4.12
N PRO A 324 -16.69 -7.48 -4.39
CA PRO A 324 -15.83 -8.63 -4.67
C PRO A 324 -14.89 -8.33 -5.82
N TYR A 325 -13.63 -8.77 -5.67
CA TYR A 325 -12.58 -8.50 -6.64
C TYR A 325 -12.16 -9.82 -7.29
N ASP A 326 -12.54 -10.01 -8.54
CA ASP A 326 -12.23 -11.23 -9.29
C ASP A 326 -10.77 -11.20 -9.69
N GLN A 327 -9.93 -11.96 -8.99
CA GLN A 327 -8.51 -12.07 -9.31
C GLN A 327 -8.17 -13.37 -10.03
N SER A 328 -9.14 -13.99 -10.69
CA SER A 328 -8.87 -15.26 -11.36
C SER A 328 -7.88 -15.11 -12.52
N PHE A 329 -7.74 -13.91 -13.08
CA PHE A 329 -6.78 -13.72 -14.17
C PHE A 329 -5.34 -14.02 -13.73
N GLU A 330 -5.05 -13.94 -12.43
CA GLU A 330 -3.69 -14.18 -11.95
C GLU A 330 -3.21 -15.58 -12.31
N SER A 331 -4.11 -16.54 -12.41
CA SER A 331 -3.73 -17.91 -12.66
C SER A 331 -3.61 -18.24 -14.14
N ARG A 332 -3.92 -17.29 -15.02
CA ARG A 332 -4.04 -17.58 -16.44
C ARG A 332 -2.76 -17.24 -17.19
N ASP A 333 -2.48 -18.06 -18.21
CA ASP A 333 -1.32 -17.90 -19.10
C ASP A 333 -1.86 -17.57 -20.48
N LEU A 334 -1.87 -16.30 -20.83
CA LEU A 334 -2.46 -15.83 -22.08
C LEU A 334 -1.39 -15.21 -22.97
N LEU A 335 -1.76 -15.01 -24.24
CA LEU A 335 -0.90 -14.37 -25.22
C LEU A 335 -0.90 -12.86 -25.04
N ILE A 336 0.17 -12.20 -25.56
CA ILE A 336 0.26 -10.74 -25.45
C ILE A 336 -1.01 -10.09 -25.97
N ASP A 337 -1.46 -10.49 -27.17
CA ASP A 337 -2.60 -9.80 -27.75
C ASP A 337 -3.87 -10.03 -26.95
N GLU A 338 -3.96 -11.13 -26.19
CA GLU A 338 -5.10 -11.34 -25.32
C GLU A 338 -5.07 -10.41 -24.11
N TRP A 339 -3.93 -10.32 -23.42
CA TRP A 339 -3.81 -9.35 -22.34
C TRP A 339 -4.05 -7.92 -22.84
N LYS A 340 -3.55 -7.63 -24.04
CA LYS A 340 -3.70 -6.30 -24.60
C LYS A 340 -5.17 -5.98 -24.88
N SER A 341 -5.89 -6.95 -25.44
CA SER A 341 -7.31 -6.75 -25.71
C SER A 341 -8.11 -6.63 -24.42
N LEU A 342 -7.78 -7.44 -23.42
CA LEU A 342 -8.46 -7.32 -22.13
C LEU A 342 -8.20 -5.97 -21.50
N THR A 343 -6.96 -5.46 -21.62
CA THR A 343 -6.65 -4.13 -21.12
C THR A 343 -7.43 -3.07 -21.87
N TYR A 344 -7.48 -3.18 -23.21
CA TYR A 344 -8.25 -2.23 -24.00
C TYR A 344 -9.71 -2.20 -23.57
N ASP A 345 -10.31 -3.37 -23.36
CA ASP A 345 -11.69 -3.43 -22.84
C ASP A 345 -11.85 -2.61 -21.56
N GLU A 346 -10.89 -2.73 -20.64
CA GLU A 346 -10.99 -2.03 -19.37
C GLU A 346 -10.84 -0.52 -19.53
N VAL A 347 -10.04 -0.07 -20.51
CA VAL A 347 -9.97 1.36 -20.80
C VAL A 347 -11.31 1.87 -21.30
N ILE A 348 -11.89 1.17 -22.27
CA ILE A 348 -13.14 1.60 -22.90
C ILE A 348 -14.30 1.63 -21.90
N SER A 349 -14.31 0.73 -20.95
CA SER A 349 -15.42 0.62 -20.01
C SER A 349 -15.27 1.51 -18.79
N PHE A 350 -14.16 2.23 -18.65
CA PHE A 350 -13.93 3.05 -17.47
C PHE A 350 -15.00 4.13 -17.33
N VAL A 351 -15.49 4.28 -16.11
CA VAL A 351 -16.47 5.30 -15.76
C VAL A 351 -15.85 6.20 -14.70
N PRO A 352 -15.68 7.50 -14.95
CA PRO A 352 -14.99 8.34 -13.98
C PRO A 352 -15.80 8.50 -12.71
N PRO A 353 -15.15 8.74 -11.58
CA PRO A 353 -15.89 8.82 -10.32
C PRO A 353 -16.69 10.11 -10.24
N PRO A 354 -17.66 10.19 -9.34
CA PRO A 354 -18.21 11.48 -8.91
C PRO A 354 -17.12 12.41 -8.39
C1 BOG B . 2.44 -17.69 11.15
O1 BOG B . 2.78 -16.62 12.05
C2 BOG B . 1.21 -18.40 11.67
O2 BOG B . 1.51 -18.93 12.96
C3 BOG B . 0.89 -19.56 10.75
O3 BOG B . -0.29 -20.24 11.24
C4 BOG B . 0.58 -18.95 9.41
O4 BOG B . 0.30 -20.00 8.47
C5 BOG B . 1.79 -18.18 8.92
O5 BOG B . 2.13 -17.15 9.85
C6 BOG B . 1.37 -17.49 7.64
O6 BOG B . 2.44 -16.74 7.10
C1' BOG B . 4.01 -15.96 11.76
C2' BOG B . 5.12 -16.63 12.57
C3' BOG B . 6.46 -15.94 12.35
C4' BOG B . 7.52 -16.66 13.18
C5' BOG B . 8.87 -15.99 13.02
C6' BOG B . 9.91 -16.75 13.85
C7' BOG B . 11.27 -16.09 13.73
C8' BOG B . 12.29 -16.91 14.54
C1 BOG C . 1.12 -5.48 -4.18
O1 BOG C . 0.16 -6.41 -4.69
C2 BOG C . 2.34 -6.27 -3.81
O2 BOG C . 1.93 -7.23 -2.83
C3 BOG C . 3.25 -5.28 -3.12
O3 BOG C . 4.42 -5.99 -2.63
C4 BOG C . 3.66 -4.31 -4.17
O4 BOG C . 4.32 -3.26 -3.40
C5 BOG C . 2.45 -3.64 -4.72
O5 BOG C . 1.51 -4.57 -5.30
C6 BOG C . 2.93 -2.85 -5.93
O6 BOG C . 3.55 -3.79 -6.81
C1' BOG C . -1.11 -5.91 -4.16
C2' BOG C . -1.09 -4.38 -3.90
C3' BOG C . -2.37 -3.87 -3.27
C4' BOG C . -2.23 -2.36 -3.08
C5' BOG C . -3.49 -1.77 -2.45
C6' BOG C . -3.33 -0.26 -2.31
C7' BOG C . -3.13 0.40 -3.68
C8' BOG C . -4.36 0.13 -4.54
C1 BOG D . -13.18 20.68 -24.05
O1 BOG D . -12.50 20.00 -22.95
C2 BOG D . -14.32 19.82 -24.50
O2 BOG D . -13.83 18.54 -24.93
C3 BOG D . -15.06 20.47 -25.63
O3 BOG D . -16.16 19.61 -26.02
C4 BOG D . -15.58 21.82 -25.15
O4 BOG D . -16.37 22.44 -26.17
C5 BOG D . -14.35 22.67 -24.73
O5 BOG D . -13.66 21.98 -23.68
C6 BOG D . -14.70 24.11 -24.28
O6 BOG D . -15.42 24.84 -25.28
C1' BOG D . -11.23 20.60 -22.67
C2' BOG D . -11.30 21.96 -22.01
C3' BOG D . -9.88 22.44 -21.97
C4' BOG D . -9.82 23.86 -21.44
C5' BOG D . -8.37 24.31 -21.56
C6' BOG D . -8.33 25.77 -21.13
C7' BOG D . -6.91 26.29 -21.30
C8' BOG D . -6.89 27.78 -20.94
C10 GEW E . 6.79 13.92 -6.48
C15 GEW E . 2.62 11.67 -7.69
C17 GEW E . 2.25 9.39 -8.64
C21 GEW E . 2.70 8.21 -9.16
C22 GEW E . 2.05 7.30 -9.94
C24 GEW E . 4.00 6.52 -9.56
C28 GEW E . 5.76 2.34 -10.14
C01 GEW E . 8.06 13.19 -1.71
C03 GEW E . 7.52 15.02 -3.02
C04 GEW E . 7.91 16.34 -3.22
C05 GEW E . 7.94 16.87 -4.51
C06 GEW E . 7.57 16.07 -5.58
C08 GEW E . 8.89 16.50 -7.45
C09 GEW E . 7.17 14.75 -5.40
C11 GEW E . 5.32 14.11 -6.86
C12 GEW E . 4.73 12.78 -7.38
C16 GEW E . 3.08 10.48 -8.27
C18 GEW E . 0.90 9.57 -8.34
C19 GEW E . 0.41 10.75 -7.77
C27 GEW E . 5.81 3.60 -9.57
C29 GEW E . 6.71 1.38 -9.82
C30 GEW E . 7.71 1.67 -8.90
C32 GEW E . 7.74 2.93 -8.30
C33 GEW E . 6.79 3.89 -8.63
C35 GEW E . 5.13 8.08 -8.14
C36 GEW E . 0.82 7.28 -10.49
C37 GEW E . 0.33 8.31 -11.30
C38 GEW E . -0.94 8.24 -11.85
C39 GEW E . -1.75 7.13 -11.61
C41 GEW E . -1.28 6.09 -10.82
C42 GEW E . 0.01 6.17 -10.27
C43 GEW E . 7.15 14.22 -4.11
F31 GEW E . 8.65 0.73 -8.57
F40 GEW E . -3.01 7.09 -12.18
N14 GEW E . 3.37 12.74 -7.32
N20 GEW E . 1.30 11.79 -7.44
N23 GEW E . 2.85 6.25 -10.17
N25 GEW E . 5.05 5.71 -9.49
N26 GEW E . 4.87 4.52 -9.83
N34 GEW E . 3.92 7.67 -8.91
O02 GEW E . 7.50 14.51 -1.75
O07 GEW E . 7.57 16.55 -6.87
O13 GEW E . 5.48 11.91 -7.83
#